data_8JBD
#
_entry.id   8JBD
#
_cell.length_a   158.657
_cell.length_b   158.657
_cell.length_c   151.634
_cell.angle_alpha   90.000
_cell.angle_beta   90.000
_cell.angle_gamma   120.000
#
_symmetry.space_group_name_H-M   'P 65 2 2'
#
loop_
_entity.id
_entity.type
_entity.pdbx_description
1 polymer 'Adenylosuccinate lyase'
2 water water
#
_entity_poly.entity_id   1
_entity_poly.type   'polypeptide(L)'
_entity_poly.pdbx_seq_one_letter_code
;MGSSHHHHHHSSGENLYFQGHMIARYQTPEMARLWSEESRYRMWARVEAYALEAWEALGEVPKGLSARLLAKLEEKPLDG
AFARRVAELEAVTRHDLVAFTRALAEWTGDEEVGRYLHLGLTSSDIVDTAQNALLVEALGLVLEELKGVEEALKALALRH
KHTPAIARTHGVHAEPTSFGLRFLSFLAAFQRDEERLKRARETIGVAMLSGSVGNYAHVPPEVEAHVASRLGLRPEPLST
QVVPRDRHAEVMAALAILGGNIERVAVELRHLQRTEVLEAQEPFHEGQTGSSSMPHKKNPVGLENLTGVARLLRGYLFPA
LEDIALWHERDISHSSVERVILPDATTLAHYALRRLKGILEGLEVFEENLARNLDLTRGLVYSQQVLNALIARGLSRNKA
YALVQRNALRSWKEGKSFLELLEADPENPLKGKELRALFDPKPFLRHVDAIYARFGL
;
_entity_poly.pdbx_strand_id   A,B
#
# COMPACT_ATOMS: atom_id res chain seq x y z
N MET A 22 -18.72 -5.68 15.93
CA MET A 22 -19.17 -6.30 14.62
C MET A 22 -20.19 -7.40 14.94
N ILE A 23 -21.13 -7.65 14.02
CA ILE A 23 -22.24 -8.66 14.08
C ILE A 23 -21.64 -10.07 13.97
N ALA A 24 -22.11 -11.03 14.79
CA ALA A 24 -21.65 -12.45 14.84
C ALA A 24 -21.76 -13.10 13.44
N ARG A 25 -22.77 -12.73 12.65
CA ARG A 25 -22.99 -13.17 11.23
C ARG A 25 -21.74 -12.96 10.35
N TYR A 26 -20.93 -11.92 10.57
CA TYR A 26 -19.81 -11.50 9.66
C TYR A 26 -18.50 -11.45 10.45
N GLN A 27 -18.36 -12.31 11.45
CA GLN A 27 -17.15 -12.51 12.26
C GLN A 27 -16.62 -13.92 11.99
N THR A 28 -15.39 -14.17 12.35
CA THR A 28 -14.79 -15.50 12.45
C THR A 28 -14.52 -15.72 13.93
N PRO A 29 -14.53 -16.97 14.44
CA PRO A 29 -14.20 -17.21 15.86
C PRO A 29 -12.80 -16.67 16.15
N GLU A 30 -11.86 -16.74 15.20
CA GLU A 30 -10.45 -16.30 15.47
C GLU A 30 -10.42 -14.78 15.70
N MET A 31 -11.12 -13.99 14.89
CA MET A 31 -11.12 -12.51 15.03
C MET A 31 -11.94 -12.07 16.25
N ALA A 32 -13.03 -12.77 16.57
CA ALA A 32 -13.86 -12.46 17.77
C ALA A 32 -12.98 -12.60 19.04
N ARG A 33 -12.19 -13.64 19.15
CA ARG A 33 -11.22 -13.86 20.26
C ARG A 33 -10.10 -12.80 20.18
N LEU A 34 -9.47 -12.63 19.01
CA LEU A 34 -8.30 -11.73 18.87
C LEU A 34 -8.67 -10.32 19.35
N TRP A 35 -9.81 -9.81 18.93
CA TRP A 35 -10.19 -8.38 19.17
C TRP A 35 -11.04 -8.21 20.44
N SER A 36 -11.37 -9.29 21.17
CA SER A 36 -12.04 -9.24 22.50
C SER A 36 -11.23 -8.36 23.45
N GLU A 37 -11.90 -7.72 24.41
CA GLU A 37 -11.28 -7.00 25.57
C GLU A 37 -10.24 -7.87 26.28
N GLU A 38 -10.66 -9.09 26.59
CA GLU A 38 -9.85 -10.06 27.32
C GLU A 38 -8.52 -10.17 26.58
N SER A 39 -8.59 -10.30 25.26
CA SER A 39 -7.39 -10.51 24.41
C SER A 39 -6.52 -9.27 24.49
N ARG A 40 -7.12 -8.09 24.53
CA ARG A 40 -6.37 -6.81 24.58
C ARG A 40 -5.63 -6.72 25.93
N TYR A 41 -6.32 -7.05 27.01
CA TYR A 41 -5.76 -6.96 28.37
C TYR A 41 -4.61 -7.96 28.50
N ARG A 42 -4.80 -9.18 27.99
CA ARG A 42 -3.71 -10.21 27.95
C ARG A 42 -2.48 -9.66 27.24
N MET A 43 -2.62 -8.89 26.16
CA MET A 43 -1.45 -8.32 25.43
C MET A 43 -0.88 -7.12 26.20
N TRP A 44 -1.72 -6.28 26.80
CA TRP A 44 -1.22 -5.23 27.72
C TRP A 44 -0.32 -5.88 28.79
N ALA A 45 -0.76 -7.00 29.34
CA ALA A 45 -0.10 -7.71 30.46
C ALA A 45 1.24 -8.27 30.00
N ARG A 46 1.29 -8.88 28.82
CA ARG A 46 2.56 -9.42 28.23
C ARG A 46 3.55 -8.27 28.04
N VAL A 47 3.09 -7.13 27.53
CA VAL A 47 3.98 -5.95 27.30
C VAL A 47 4.55 -5.48 28.66
N GLU A 48 3.73 -5.43 29.71
CA GLU A 48 4.21 -4.98 31.06
C GLU A 48 5.25 -6.01 31.54
N ALA A 49 4.92 -7.31 31.48
CA ALA A 49 5.77 -8.42 31.93
C ALA A 49 7.13 -8.36 31.23
N TYR A 50 7.15 -8.34 29.90
CA TYR A 50 8.41 -8.37 29.11
C TYR A 50 9.20 -7.12 29.47
N ALA A 51 8.55 -6.01 29.75
CA ALA A 51 9.24 -4.76 30.11
C ALA A 51 9.91 -5.00 31.48
N LEU A 52 9.17 -5.58 32.42
CA LEU A 52 9.69 -5.92 33.76
C LEU A 52 10.96 -6.77 33.62
N GLU A 53 10.97 -7.79 32.75
CA GLU A 53 12.17 -8.65 32.56
C GLU A 53 13.39 -7.79 32.23
N ALA A 54 13.25 -6.82 31.35
CA ALA A 54 14.34 -5.96 30.88
C ALA A 54 14.77 -5.08 32.04
N TRP A 55 13.81 -4.56 32.81
CA TRP A 55 14.08 -3.68 33.96
C TRP A 55 14.82 -4.51 35.02
N GLU A 56 14.45 -5.79 35.22
CA GLU A 56 15.16 -6.77 36.10
C GLU A 56 16.65 -6.88 35.71
N ALA A 57 16.95 -7.25 34.45
CA ALA A 57 18.33 -7.35 33.91
C ALA A 57 19.09 -6.06 34.17
N LEU A 58 18.43 -4.89 34.21
CA LEU A 58 19.07 -3.57 34.45
C LEU A 58 19.22 -3.28 35.95
N GLY A 59 18.79 -4.20 36.81
CA GLY A 59 18.79 -4.09 38.29
C GLY A 59 17.85 -3.03 38.83
N GLU A 60 16.69 -2.79 38.22
CA GLU A 60 15.70 -1.78 38.70
C GLU A 60 14.44 -2.47 39.25
N VAL A 61 14.36 -3.80 39.20
CA VAL A 61 13.24 -4.54 39.86
C VAL A 61 13.83 -5.81 40.48
N PRO A 62 13.36 -6.21 41.69
CA PRO A 62 13.90 -7.39 42.39
C PRO A 62 13.92 -8.69 41.57
N LYS A 63 14.94 -9.53 41.77
CA LYS A 63 15.16 -10.80 41.03
C LYS A 63 13.90 -11.66 41.16
N GLY A 64 13.44 -12.25 40.07
CA GLY A 64 12.38 -13.29 40.08
C GLY A 64 10.97 -12.74 39.94
N LEU A 65 10.78 -11.41 40.02
CA LEU A 65 9.43 -10.75 39.93
C LEU A 65 8.84 -10.94 38.53
N SER A 66 9.54 -10.51 37.49
CA SER A 66 9.04 -10.59 36.10
C SER A 66 8.59 -12.03 35.83
N ALA A 67 9.41 -13.01 36.20
CA ALA A 67 9.16 -14.46 35.98
C ALA A 67 7.95 -14.92 36.80
N ARG A 68 7.71 -14.34 37.98
CA ARG A 68 6.54 -14.67 38.83
C ARG A 68 5.25 -14.09 38.23
N LEU A 69 5.28 -12.85 37.73
CA LEU A 69 4.13 -12.26 36.98
C LEU A 69 3.80 -13.17 35.77
N LEU A 70 4.79 -13.56 34.96
CA LEU A 70 4.58 -14.32 33.70
C LEU A 70 3.95 -15.69 33.98
N ALA A 71 4.37 -16.33 35.08
CA ALA A 71 3.91 -17.68 35.48
C ALA A 71 2.48 -17.55 36.00
N LYS A 72 2.20 -16.49 36.77
CA LYS A 72 0.83 -16.18 37.23
C LYS A 72 -0.11 -15.94 36.03
N LEU A 73 0.33 -15.28 34.94
CA LEU A 73 -0.53 -14.97 33.76
C LEU A 73 -0.70 -16.19 32.83
N GLU A 74 0.20 -17.17 32.90
CA GLU A 74 0.05 -18.52 32.26
C GLU A 74 -0.91 -19.38 33.10
N GLU A 75 -0.78 -19.31 34.42
CA GLU A 75 -1.55 -20.11 35.41
C GLU A 75 -3.01 -19.59 35.49
N LYS A 76 -3.26 -18.30 35.30
CA LYS A 76 -4.62 -17.70 35.49
C LYS A 76 -4.89 -16.68 34.39
N PRO A 77 -5.04 -17.11 33.11
CA PRO A 77 -5.20 -16.18 32.00
C PRO A 77 -6.25 -15.11 32.31
N LEU A 78 -5.94 -13.86 32.01
CA LEU A 78 -6.93 -12.76 32.18
C LEU A 78 -8.12 -13.07 31.29
N ASP A 79 -9.32 -13.07 31.86
CA ASP A 79 -10.59 -13.53 31.24
C ASP A 79 -11.65 -12.43 31.43
N GLY A 80 -12.94 -12.78 31.32
CA GLY A 80 -14.10 -11.88 31.44
C GLY A 80 -14.20 -11.17 32.79
N ALA A 81 -13.93 -11.87 33.89
CA ALA A 81 -14.00 -11.32 35.27
C ALA A 81 -12.94 -10.22 35.44
N PHE A 82 -11.77 -10.41 34.83
CA PHE A 82 -10.68 -9.41 34.87
C PHE A 82 -11.15 -8.16 34.11
N ALA A 83 -11.77 -8.37 32.95
CA ALA A 83 -12.28 -7.29 32.08
C ALA A 83 -13.35 -6.48 32.83
N ARG A 84 -14.24 -7.13 33.58
CA ARG A 84 -15.32 -6.41 34.31
C ARG A 84 -14.68 -5.44 35.32
N ARG A 85 -13.68 -5.94 36.04
CA ARG A 85 -12.91 -5.20 37.08
C ARG A 85 -12.26 -3.96 36.48
N VAL A 86 -11.64 -4.11 35.33
CA VAL A 86 -11.02 -2.96 34.62
C VAL A 86 -12.13 -1.93 34.31
N ALA A 87 -13.28 -2.38 33.79
CA ALA A 87 -14.43 -1.53 33.43
C ALA A 87 -14.95 -0.78 34.66
N GLU A 88 -15.17 -1.48 35.77
CA GLU A 88 -15.55 -0.84 37.06
C GLU A 88 -14.53 0.24 37.41
N LEU A 89 -13.26 -0.16 37.43
CA LEU A 89 -12.18 0.76 37.85
C LEU A 89 -12.16 1.97 36.92
N GLU A 90 -12.45 1.79 35.62
CA GLU A 90 -12.44 2.88 34.60
C GLU A 90 -13.55 3.91 34.88
N ALA A 91 -14.70 3.47 35.43
CA ALA A 91 -15.87 4.35 35.78
C ALA A 91 -15.42 5.52 36.67
N VAL A 92 -14.27 5.37 37.31
CA VAL A 92 -13.79 6.17 38.46
C VAL A 92 -12.41 6.79 38.16
N THR A 93 -11.84 6.48 36.99
CA THR A 93 -10.65 7.15 36.39
C THR A 93 -10.93 7.50 34.92
N ASP A 96 -7.28 4.84 31.90
CA ASP A 96 -7.59 3.46 31.45
C ASP A 96 -6.47 2.49 31.90
N LEU A 97 -5.20 2.94 31.95
CA LEU A 97 -4.07 2.05 32.34
C LEU A 97 -3.79 2.15 33.82
N VAL A 98 -4.16 3.24 34.50
CA VAL A 98 -4.29 3.19 35.98
C VAL A 98 -5.29 2.09 36.34
N ALA A 99 -6.46 2.07 35.68
CA ALA A 99 -7.52 1.11 36.00
C ALA A 99 -6.98 -0.29 35.70
N PHE A 100 -6.28 -0.43 34.59
CA PHE A 100 -5.74 -1.75 34.18
C PHE A 100 -4.60 -2.16 35.11
N THR A 101 -3.64 -1.29 35.39
CA THR A 101 -2.48 -1.72 36.22
C THR A 101 -2.99 -2.09 37.62
N ARG A 102 -3.96 -1.34 38.16
CA ARG A 102 -4.55 -1.64 39.50
C ARG A 102 -5.30 -2.96 39.45
N ALA A 103 -6.11 -3.25 38.42
CA ALA A 103 -6.76 -4.59 38.33
C ALA A 103 -5.68 -5.69 38.25
N LEU A 104 -4.56 -5.46 37.57
CA LEU A 104 -3.52 -6.52 37.35
C LEU A 104 -2.82 -6.82 38.70
N ALA A 105 -2.37 -5.80 39.41
CA ALA A 105 -1.85 -5.92 40.80
C ALA A 105 -2.80 -6.81 41.61
N GLU A 106 -4.08 -6.43 41.71
CA GLU A 106 -5.11 -7.10 42.56
C GLU A 106 -5.39 -8.52 42.07
N TRP A 107 -5.41 -8.75 40.75
CA TRP A 107 -5.71 -10.09 40.17
C TRP A 107 -4.52 -11.05 40.38
N THR A 108 -3.28 -10.54 40.44
CA THR A 108 -2.09 -11.40 40.69
C THR A 108 -1.90 -11.61 42.20
N GLY A 109 -2.41 -10.70 43.04
CA GLY A 109 -2.34 -10.78 44.51
C GLY A 109 -1.00 -10.33 45.07
N ASP A 110 -0.31 -9.41 44.38
CA ASP A 110 1.09 -9.00 44.68
C ASP A 110 1.25 -7.50 44.45
N GLU A 111 1.13 -6.67 45.50
CA GLU A 111 1.21 -5.19 45.36
C GLU A 111 2.67 -4.73 45.14
N GLU A 112 3.65 -5.65 45.29
CA GLU A 112 5.08 -5.37 45.00
C GLU A 112 5.24 -5.04 43.50
N VAL A 113 4.49 -5.73 42.64
CA VAL A 113 4.50 -5.51 41.15
C VAL A 113 4.09 -4.06 40.88
N GLY A 114 3.04 -3.57 41.56
CA GLY A 114 2.41 -2.26 41.33
C GLY A 114 3.41 -1.13 41.23
N ARG A 115 4.42 -1.09 42.11
CA ARG A 115 5.42 0.01 42.13
C ARG A 115 6.24 -0.06 40.82
N TYR A 116 6.43 -1.27 40.28
CA TYR A 116 7.41 -1.53 39.19
C TYR A 116 6.77 -1.35 37.81
N LEU A 117 5.45 -1.15 37.72
CA LEU A 117 4.74 -0.87 36.44
C LEU A 117 4.86 0.62 36.11
N HIS A 118 4.70 0.97 34.82
CA HIS A 118 4.73 2.35 34.27
C HIS A 118 6.04 3.10 34.58
N LEU A 119 7.09 2.37 34.98
CA LEU A 119 8.39 2.85 35.57
C LEU A 119 9.15 3.76 34.60
N GLY A 120 8.46 4.45 33.69
CA GLY A 120 9.02 5.23 32.56
C GLY A 120 8.18 5.08 31.29
N LEU A 121 7.56 3.91 31.12
CA LEU A 121 6.56 3.57 30.08
C LEU A 121 5.35 4.51 30.19
N THR A 122 4.94 5.07 29.05
CA THR A 122 3.71 5.84 28.82
C THR A 122 2.56 4.84 28.61
N SER A 123 1.34 5.34 28.68
CA SER A 123 0.12 4.61 28.25
C SER A 123 0.28 4.19 26.80
N SER A 124 0.69 5.12 25.95
CA SER A 124 0.84 4.91 24.50
C SER A 124 1.86 3.80 24.24
N ASP A 125 2.95 3.71 25.01
CA ASP A 125 3.98 2.64 24.84
C ASP A 125 3.32 1.26 24.94
N ILE A 126 2.46 1.09 25.93
CA ILE A 126 1.73 -0.17 26.16
C ILE A 126 0.69 -0.33 25.05
N VAL A 127 -0.18 0.65 24.86
CA VAL A 127 -1.42 0.51 24.05
C VAL A 127 -1.03 0.34 22.59
N ASP A 128 -0.14 1.20 22.07
CA ASP A 128 0.32 1.13 20.65
C ASP A 128 1.09 -0.16 20.43
N THR A 129 1.90 -0.59 21.40
CA THR A 129 2.73 -1.80 21.22
C THR A 129 1.78 -2.99 21.15
N ALA A 130 0.81 -3.04 22.08
CA ALA A 130 -0.11 -4.20 22.15
C ALA A 130 -0.94 -4.23 20.85
N GLN A 131 -1.37 -3.07 20.35
CA GLN A 131 -2.25 -2.97 19.16
C GLN A 131 -1.48 -3.42 17.90
N ASN A 132 -0.20 -3.07 17.80
CA ASN A 132 0.67 -3.51 16.70
C ASN A 132 0.81 -5.03 16.76
N ALA A 133 1.00 -5.64 17.92
CA ALA A 133 1.13 -7.11 18.07
C ALA A 133 -0.19 -7.77 17.65
N LEU A 134 -1.32 -7.21 18.06
CA LEU A 134 -2.68 -7.72 17.62
C LEU A 134 -2.83 -7.55 16.11
N LEU A 135 -2.34 -6.44 15.52
CA LEU A 135 -2.45 -6.18 14.06
C LEU A 135 -1.54 -7.16 13.31
N VAL A 136 -0.33 -7.46 13.80
CA VAL A 136 0.52 -8.54 13.19
C VAL A 136 -0.21 -9.87 13.18
N GLU A 137 -0.87 -10.24 14.26
CA GLU A 137 -1.66 -11.52 14.33
C GLU A 137 -2.83 -11.52 13.36
N ALA A 138 -3.59 -10.43 13.35
CA ALA A 138 -4.80 -10.25 12.53
C ALA A 138 -4.34 -10.41 11.07
N LEU A 139 -3.21 -9.79 10.66
CA LEU A 139 -2.69 -9.90 9.28
C LEU A 139 -2.21 -11.35 9.02
N GLY A 140 -1.64 -12.02 10.02
CA GLY A 140 -1.35 -13.47 9.86
C GLY A 140 -2.57 -14.28 9.54
N LEU A 141 -3.67 -14.02 10.26
CA LEU A 141 -4.92 -14.76 10.01
C LEU A 141 -5.44 -14.48 8.58
N VAL A 142 -5.37 -13.24 8.11
CA VAL A 142 -5.85 -12.83 6.76
C VAL A 142 -4.99 -13.53 5.70
N LEU A 143 -3.66 -13.51 5.88
CA LEU A 143 -2.69 -14.23 5.00
C LEU A 143 -2.94 -15.73 4.99
N GLU A 144 -3.23 -16.36 6.15
CA GLU A 144 -3.58 -17.81 6.14
C GLU A 144 -4.80 -18.04 5.24
N GLU A 145 -5.84 -17.25 5.42
CA GLU A 145 -7.09 -17.47 4.67
C GLU A 145 -6.89 -17.13 3.19
N LEU A 146 -6.07 -16.13 2.89
CA LEU A 146 -5.69 -15.78 1.50
C LEU A 146 -4.99 -16.97 0.86
N LYS A 147 -4.07 -17.63 1.57
CA LYS A 147 -3.44 -18.89 1.09
C LYS A 147 -4.55 -19.89 0.74
N GLY A 148 -5.56 -20.05 1.58
CA GLY A 148 -6.70 -20.94 1.24
C GLY A 148 -7.36 -20.51 -0.08
N VAL A 149 -7.61 -19.21 -0.29
CA VAL A 149 -8.23 -18.67 -1.55
C VAL A 149 -7.30 -18.94 -2.75
N GLU A 150 -6.00 -18.72 -2.58
CA GLU A 150 -4.99 -19.01 -3.65
C GLU A 150 -5.04 -20.50 -4.06
N GLU A 151 -5.08 -21.44 -3.11
CA GLU A 151 -5.08 -22.90 -3.44
C GLU A 151 -6.38 -23.27 -4.17
N ALA A 152 -7.52 -22.76 -3.73
CA ALA A 152 -8.80 -22.98 -4.45
C ALA A 152 -8.73 -22.44 -5.88
N LEU A 153 -8.05 -21.31 -6.11
CA LEU A 153 -7.96 -20.72 -7.47
C LEU A 153 -7.01 -21.56 -8.34
N LYS A 154 -5.91 -22.09 -7.78
CA LYS A 154 -4.97 -23.02 -8.48
C LYS A 154 -5.77 -24.27 -8.85
N ALA A 155 -6.59 -24.80 -7.94
CA ALA A 155 -7.45 -25.98 -8.25
C ALA A 155 -8.36 -25.67 -9.45
N LEU A 156 -9.13 -24.58 -9.43
CA LEU A 156 -10.08 -24.27 -10.56
C LEU A 156 -9.34 -23.98 -11.87
N ALA A 157 -8.18 -23.32 -11.82
CA ALA A 157 -7.34 -23.08 -13.03
C ALA A 157 -6.86 -24.41 -13.61
N LEU A 158 -6.40 -25.36 -12.77
CA LEU A 158 -5.92 -26.72 -13.22
C LEU A 158 -7.07 -27.51 -13.81
N ARG A 159 -8.22 -27.52 -13.14
CA ARG A 159 -9.44 -28.21 -13.62
C ARG A 159 -9.83 -27.70 -15.00
N HIS A 160 -9.68 -26.40 -15.26
CA HIS A 160 -10.31 -25.72 -16.44
C HIS A 160 -9.27 -25.32 -17.50
N LYS A 161 -8.04 -25.76 -17.34
CA LYS A 161 -6.90 -25.48 -18.24
C LYS A 161 -7.28 -25.79 -19.68
N HIS A 162 -7.92 -26.94 -19.95
CA HIS A 162 -8.29 -27.37 -21.34
C HIS A 162 -9.79 -27.22 -21.56
N THR A 163 -10.50 -26.45 -20.72
CA THR A 163 -11.96 -26.26 -20.89
C THR A 163 -12.15 -25.10 -21.86
N PRO A 164 -12.72 -25.34 -23.07
CA PRO A 164 -12.97 -24.27 -24.03
C PRO A 164 -14.13 -23.40 -23.53
N ALA A 165 -14.03 -22.07 -23.66
CA ALA A 165 -15.12 -21.09 -23.40
C ALA A 165 -15.00 -19.90 -24.37
N ILE A 166 -15.79 -18.84 -24.18
CA ILE A 166 -15.86 -17.64 -25.09
C ILE A 166 -15.49 -16.36 -24.32
N PRO A 176 -13.23 -17.64 -27.81
CA PRO A 176 -12.64 -18.98 -28.08
C PRO A 176 -11.31 -19.14 -27.29
N THR A 177 -11.37 -19.58 -26.02
CA THR A 177 -10.23 -19.43 -25.08
C THR A 177 -10.24 -20.57 -24.05
N SER A 178 -9.25 -20.58 -23.15
CA SER A 178 -9.25 -21.46 -21.95
C SER A 178 -10.01 -20.76 -20.83
N PHE A 179 -11.11 -21.34 -20.38
CA PHE A 179 -11.92 -20.91 -19.21
C PHE A 179 -11.02 -20.79 -17.97
N GLY A 180 -9.99 -21.64 -17.89
CA GLY A 180 -9.05 -21.68 -16.76
C GLY A 180 -8.28 -20.39 -16.57
N LEU A 181 -8.03 -19.65 -17.65
CA LEU A 181 -7.19 -18.43 -17.62
C LEU A 181 -7.81 -17.43 -16.64
N ARG A 182 -9.14 -17.32 -16.60
CA ARG A 182 -9.86 -16.39 -15.70
C ARG A 182 -9.43 -16.64 -14.24
N PHE A 183 -9.32 -17.89 -13.78
CA PHE A 183 -8.92 -18.25 -12.39
C PHE A 183 -7.46 -17.83 -12.14
N LEU A 184 -6.64 -17.90 -13.17
CA LEU A 184 -5.20 -17.50 -13.07
C LEU A 184 -5.13 -15.97 -12.91
N SER A 185 -5.98 -15.20 -13.61
CA SER A 185 -6.10 -13.73 -13.38
C SER A 185 -6.48 -13.44 -11.93
N PHE A 186 -7.46 -14.14 -11.37
CA PHE A 186 -7.82 -13.96 -9.93
C PHE A 186 -6.59 -14.31 -9.09
N LEU A 187 -5.91 -15.40 -9.44
CA LEU A 187 -4.79 -15.90 -8.59
C LEU A 187 -3.69 -14.84 -8.55
N ALA A 188 -3.32 -14.28 -9.70
CA ALA A 188 -2.21 -13.31 -9.83
C ALA A 188 -2.51 -12.09 -8.97
N ALA A 189 -3.76 -11.65 -8.97
CA ALA A 189 -4.18 -10.46 -8.24
C ALA A 189 -4.07 -10.80 -6.75
N PHE A 190 -4.53 -11.97 -6.32
CA PHE A 190 -4.39 -12.30 -4.87
C PHE A 190 -2.92 -12.55 -4.46
N GLN A 191 -2.02 -12.90 -5.36
CA GLN A 191 -0.57 -13.06 -5.04
C GLN A 191 0.02 -11.66 -4.81
N ARG A 192 -0.50 -10.66 -5.51
CA ARG A 192 -0.05 -9.26 -5.26
C ARG A 192 -0.61 -8.81 -3.90
N ASP A 193 -1.87 -9.10 -3.60
CA ASP A 193 -2.43 -8.77 -2.25
C ASP A 193 -1.56 -9.41 -1.18
N GLU A 194 -1.12 -10.64 -1.40
CA GLU A 194 -0.26 -11.36 -0.44
C GLU A 194 1.04 -10.59 -0.17
N GLU A 195 1.73 -10.13 -1.23
CA GLU A 195 2.96 -9.34 -1.10
C GLU A 195 2.57 -8.05 -0.35
N ARG A 196 1.49 -7.40 -0.73
CA ARG A 196 1.07 -6.12 -0.10
C ARG A 196 0.80 -6.37 1.38
N LEU A 197 0.16 -7.47 1.73
CA LEU A 197 -0.23 -7.71 3.15
C LEU A 197 1.00 -8.11 3.98
N LYS A 198 1.94 -8.85 3.40
CA LYS A 198 3.23 -9.14 4.08
C LYS A 198 4.01 -7.83 4.29
N ARG A 199 4.05 -6.93 3.31
CA ARG A 199 4.76 -5.64 3.58
C ARG A 199 4.01 -4.85 4.67
N ALA A 200 2.67 -4.82 4.66
CA ALA A 200 1.87 -4.08 5.67
C ALA A 200 2.19 -4.68 7.04
N ARG A 201 2.32 -6.00 7.13
CA ARG A 201 2.62 -6.70 8.40
C ARG A 201 4.01 -6.32 8.91
N GLU A 202 5.00 -6.19 8.02
CA GLU A 202 6.39 -5.76 8.39
C GLU A 202 6.33 -4.32 8.89
N THR A 203 5.63 -3.43 8.15
CA THR A 203 5.49 -2.00 8.47
C THR A 203 4.81 -1.82 9.85
N ILE A 204 3.75 -2.55 10.16
CA ILE A 204 2.99 -2.35 11.43
C ILE A 204 3.69 -3.04 12.62
N GLY A 205 4.66 -3.96 12.36
CA GLY A 205 5.18 -4.91 13.36
C GLY A 205 6.28 -4.28 14.23
N VAL A 206 6.00 -3.11 14.83
CA VAL A 206 6.95 -2.28 15.62
C VAL A 206 6.44 -2.11 17.05
N ALA A 207 7.37 -2.12 18.00
CA ALA A 207 7.20 -1.86 19.44
C ALA A 207 7.73 -0.47 19.77
N MET A 208 6.91 0.31 20.45
CA MET A 208 7.26 1.63 21.01
C MET A 208 7.23 1.52 22.54
N LEU A 209 8.42 1.67 23.16
CA LEU A 209 8.61 1.76 24.63
C LEU A 209 9.71 2.80 24.85
N SER A 210 9.39 4.04 24.54
CA SER A 210 10.37 5.13 24.39
C SER A 210 10.06 6.25 25.38
N GLY A 211 9.01 6.11 26.18
CA GLY A 211 8.65 7.09 27.22
C GLY A 211 8.05 8.38 26.66
N SER A 212 7.98 9.42 27.49
CA SER A 212 7.13 10.64 27.34
C SER A 212 7.11 11.20 25.91
N VAL A 213 8.26 11.55 25.32
CA VAL A 213 8.32 12.26 24.00
C VAL A 213 9.03 11.39 22.95
N GLY A 214 9.32 10.13 23.25
CA GLY A 214 9.89 9.18 22.26
C GLY A 214 11.41 9.20 22.16
N ASN A 215 12.12 9.82 23.13
CA ASN A 215 13.60 10.04 23.10
C ASN A 215 14.33 9.20 24.16
N TYR A 216 13.63 8.29 24.83
CA TYR A 216 14.15 7.26 25.75
C TYR A 216 14.75 7.92 27.01
N ALA A 217 14.48 9.22 27.24
CA ALA A 217 14.95 9.98 28.41
C ALA A 217 14.78 9.16 29.71
N HIS A 218 13.63 8.52 29.89
CA HIS A 218 13.22 7.80 31.14
C HIS A 218 13.14 6.29 30.90
N VAL A 219 13.47 5.80 29.71
CA VAL A 219 13.46 4.31 29.50
C VAL A 219 14.53 3.93 28.51
N PRO A 220 15.57 3.21 28.98
CA PRO A 220 16.69 2.87 28.11
C PRO A 220 16.25 1.98 26.96
N PRO A 221 16.82 2.22 25.76
CA PRO A 221 16.44 1.52 24.52
C PRO A 221 16.41 -0.01 24.57
N GLU A 222 17.09 -0.60 25.56
CA GLU A 222 17.20 -2.07 25.75
C GLU A 222 15.85 -2.61 26.20
N VAL A 223 15.03 -1.79 26.87
CA VAL A 223 13.68 -2.21 27.33
C VAL A 223 12.85 -2.49 26.08
N GLU A 224 12.77 -1.51 25.20
CA GLU A 224 12.04 -1.60 23.90
C GLU A 224 12.60 -2.75 23.05
N ALA A 225 13.93 -2.87 22.95
CA ALA A 225 14.55 -3.93 22.12
C ALA A 225 14.16 -5.30 22.67
N HIS A 226 14.18 -5.49 23.99
CA HIS A 226 13.86 -6.79 24.66
C HIS A 226 12.36 -7.13 24.48
N VAL A 227 11.48 -6.18 24.74
CA VAL A 227 10.00 -6.39 24.54
C VAL A 227 9.69 -6.68 23.07
N ALA A 228 10.26 -5.91 22.14
CA ALA A 228 10.11 -6.15 20.69
C ALA A 228 10.44 -7.62 20.39
N SER A 229 11.63 -8.04 20.78
CA SER A 229 12.12 -9.41 20.45
C SER A 229 11.17 -10.45 21.08
N ARG A 230 10.74 -10.21 22.31
CA ARG A 230 9.83 -11.16 23.00
C ARG A 230 8.48 -11.17 22.31
N LEU A 231 8.04 -10.04 21.72
CA LEU A 231 6.73 -9.99 20.99
C LEU A 231 6.84 -10.48 19.53
N GLY A 232 8.05 -10.68 18.98
CA GLY A 232 8.29 -11.01 17.55
C GLY A 232 8.23 -9.76 16.67
N LEU A 233 8.36 -8.59 17.26
CA LEU A 233 8.34 -7.29 16.58
C LEU A 233 9.78 -6.80 16.44
N ARG A 234 9.97 -5.60 15.90
CA ARG A 234 11.25 -4.88 15.92
C ARG A 234 10.99 -3.54 16.61
N PRO A 235 12.03 -2.87 17.15
CA PRO A 235 11.86 -1.52 17.68
C PRO A 235 11.30 -0.56 16.63
N GLU A 236 10.44 0.36 17.05
CA GLU A 236 10.03 1.52 16.23
C GLU A 236 11.23 2.46 16.19
N PRO A 237 11.89 2.60 15.03
CA PRO A 237 13.15 3.32 14.96
C PRO A 237 12.99 4.81 15.30
N LEU A 238 11.80 5.36 15.10
CA LEU A 238 11.54 6.72 15.62
C LEU A 238 10.05 6.93 15.86
N SER A 239 9.68 6.98 17.12
CA SER A 239 8.30 7.28 17.60
C SER A 239 8.30 8.71 18.12
N THR A 240 7.12 9.33 18.20
CA THR A 240 6.89 10.48 19.09
C THR A 240 6.28 9.92 20.37
N GLN A 241 5.21 10.54 20.84
CA GLN A 241 4.31 9.95 21.86
C GLN A 241 3.67 8.72 21.26
N VAL A 242 3.49 8.71 19.93
CA VAL A 242 2.72 7.63 19.22
C VAL A 242 3.55 7.02 18.09
N VAL A 243 3.21 5.82 17.68
CA VAL A 243 3.69 5.21 16.41
C VAL A 243 3.13 6.02 15.26
N PRO A 244 3.93 6.39 14.23
CA PRO A 244 3.37 7.12 13.10
C PRO A 244 2.24 6.33 12.38
N ARG A 245 1.19 7.07 11.98
CA ARG A 245 -0.08 6.45 11.47
C ARG A 245 -0.03 6.23 9.94
N ASP A 246 1.08 6.52 9.25
CA ASP A 246 1.22 6.00 7.85
C ASP A 246 1.34 4.47 7.93
N ARG A 247 1.85 3.93 9.03
CA ARG A 247 1.95 2.46 9.19
C ARG A 247 0.55 1.86 9.20
N HIS A 248 -0.38 2.44 9.98
CA HIS A 248 -1.79 1.95 10.08
C HIS A 248 -2.48 2.14 8.71
N ALA A 249 -2.18 3.22 8.01
CA ALA A 249 -2.88 3.57 6.75
C ALA A 249 -2.43 2.59 5.67
N GLU A 250 -1.16 2.15 5.71
CA GLU A 250 -0.67 1.14 4.75
C GLU A 250 -1.44 -0.16 4.95
N VAL A 251 -1.72 -0.52 6.20
CA VAL A 251 -2.48 -1.77 6.51
C VAL A 251 -3.88 -1.64 5.91
N MET A 252 -4.59 -0.52 6.17
CA MET A 252 -6.02 -0.34 5.78
C MET A 252 -6.11 -0.28 4.26
N ALA A 253 -5.08 0.26 3.64
CA ALA A 253 -5.00 0.40 2.17
C ALA A 253 -4.78 -0.99 1.56
N ALA A 254 -3.88 -1.81 2.12
CA ALA A 254 -3.72 -3.19 1.65
C ALA A 254 -5.08 -3.93 1.75
N LEU A 255 -5.83 -3.75 2.84
CA LEU A 255 -7.12 -4.48 3.02
C LEU A 255 -8.17 -3.99 2.00
N ALA A 256 -8.17 -2.70 1.67
CA ALA A 256 -9.15 -2.14 0.71
C ALA A 256 -8.82 -2.63 -0.69
N ILE A 257 -7.55 -2.74 -1.09
CA ILE A 257 -7.20 -3.29 -2.43
C ILE A 257 -7.60 -4.77 -2.47
N LEU A 258 -7.31 -5.50 -1.40
CA LEU A 258 -7.73 -6.92 -1.27
C LEU A 258 -9.24 -7.07 -1.48
N GLY A 259 -10.01 -6.18 -0.84
CA GLY A 259 -11.48 -6.18 -0.92
C GLY A 259 -11.92 -6.04 -2.36
N GLY A 260 -11.22 -5.22 -3.11
CA GLY A 260 -11.47 -5.03 -4.56
C GLY A 260 -11.26 -6.33 -5.33
N ASN A 261 -10.20 -7.07 -5.01
CA ASN A 261 -9.86 -8.37 -5.68
C ASN A 261 -10.91 -9.40 -5.27
N ILE A 262 -11.34 -9.41 -4.00
CA ILE A 262 -12.46 -10.27 -3.54
C ILE A 262 -13.71 -9.94 -4.35
N GLU A 263 -14.08 -8.65 -4.44
CA GLU A 263 -15.25 -8.12 -5.20
C GLU A 263 -15.15 -8.56 -6.67
N ARG A 264 -13.99 -8.36 -7.29
CA ARG A 264 -13.78 -8.70 -8.72
C ARG A 264 -14.14 -10.18 -8.93
N VAL A 265 -13.74 -11.09 -8.03
CA VAL A 265 -14.08 -12.55 -8.20
C VAL A 265 -15.60 -12.70 -8.11
N ALA A 266 -16.22 -12.11 -7.10
CA ALA A 266 -17.67 -12.25 -6.86
C ALA A 266 -18.44 -11.74 -8.09
N VAL A 267 -18.11 -10.57 -8.62
CA VAL A 267 -18.77 -9.99 -9.82
C VAL A 267 -18.59 -10.90 -11.04
N GLU A 268 -17.38 -11.35 -11.33
CA GLU A 268 -17.09 -12.21 -12.51
C GLU A 268 -17.75 -13.59 -12.29
N LEU A 269 -17.98 -14.04 -11.07
CA LEU A 269 -18.70 -15.33 -10.82
C LEU A 269 -20.21 -15.09 -11.04
N ARG A 270 -20.77 -13.95 -10.59
CA ARG A 270 -22.22 -13.62 -10.75
C ARG A 270 -22.64 -13.96 -12.19
N HIS A 271 -21.84 -13.56 -13.19
CA HIS A 271 -22.03 -13.88 -14.63
C HIS A 271 -22.02 -15.40 -14.84
N GLY A 302 -23.90 -15.39 -0.20
CA GLY A 302 -23.00 -15.66 -1.35
C GLY A 302 -22.16 -14.45 -1.73
N LEU A 303 -22.42 -13.90 -2.90
CA LEU A 303 -21.60 -12.87 -3.57
C LEU A 303 -22.05 -11.44 -3.24
N GLU A 304 -23.30 -11.24 -2.86
CA GLU A 304 -23.81 -9.94 -2.35
C GLU A 304 -23.04 -9.60 -1.07
N ASN A 305 -22.73 -10.65 -0.33
CA ASN A 305 -21.93 -10.58 0.91
C ASN A 305 -20.51 -10.06 0.63
N LEU A 306 -19.80 -10.63 -0.35
CA LEU A 306 -18.38 -10.31 -0.63
C LEU A 306 -18.26 -8.87 -1.17
N THR A 307 -19.20 -8.49 -2.01
CA THR A 307 -19.39 -7.11 -2.59
C THR A 307 -19.62 -6.10 -1.46
N GLY A 308 -20.51 -6.44 -0.51
CA GLY A 308 -20.80 -5.69 0.71
C GLY A 308 -19.56 -5.42 1.52
N VAL A 309 -18.76 -6.46 1.76
CA VAL A 309 -17.49 -6.32 2.56
C VAL A 309 -16.54 -5.35 1.83
N ALA A 310 -16.46 -5.41 0.51
CA ALA A 310 -15.53 -4.55 -0.25
C ALA A 310 -15.93 -3.08 -0.03
N ARG A 311 -17.22 -2.77 0.02
CA ARG A 311 -17.70 -1.37 0.22
C ARG A 311 -17.29 -0.92 1.62
N LEU A 312 -17.50 -1.76 2.64
CA LEU A 312 -17.13 -1.36 4.02
C LEU A 312 -15.62 -1.14 4.14
N LEU A 313 -14.79 -2.00 3.53
CA LEU A 313 -13.31 -1.87 3.59
C LEU A 313 -12.89 -0.55 2.91
N ARG A 314 -13.56 -0.12 1.84
CA ARG A 314 -13.22 1.20 1.22
C ARG A 314 -13.62 2.31 2.19
N GLY A 315 -14.80 2.21 2.80
CA GLY A 315 -15.24 3.23 3.77
C GLY A 315 -14.29 3.32 4.94
N TYR A 316 -13.91 2.19 5.51
CA TYR A 316 -13.04 2.19 6.72
C TYR A 316 -11.66 2.81 6.41
N LEU A 317 -11.20 2.82 5.16
CA LEU A 317 -9.86 3.33 4.83
C LEU A 317 -9.81 4.84 5.01
N PHE A 318 -10.92 5.54 4.80
CA PHE A 318 -10.92 7.02 4.68
C PHE A 318 -10.44 7.61 5.98
N PRO A 319 -11.00 7.18 7.15
CA PRO A 319 -10.51 7.71 8.40
C PRO A 319 -9.04 7.38 8.67
N ALA A 320 -8.55 6.21 8.28
CA ALA A 320 -7.11 5.88 8.47
C ALA A 320 -6.23 6.84 7.65
N LEU A 321 -6.64 7.24 6.45
CA LEU A 321 -5.90 8.24 5.64
C LEU A 321 -5.96 9.61 6.31
N GLU A 322 -7.09 10.00 6.92
CA GLU A 322 -7.16 11.29 7.66
C GLU A 322 -6.31 11.18 8.95
N ASP A 323 -6.15 10.00 9.51
CA ASP A 323 -5.44 9.82 10.82
C ASP A 323 -3.94 10.06 10.68
N ILE A 324 -3.38 9.96 9.48
CA ILE A 324 -1.92 10.14 9.30
C ILE A 324 -1.47 11.49 9.90
N ALA A 325 -2.18 12.60 9.67
CA ALA A 325 -1.66 13.96 9.89
C ALA A 325 -1.92 14.50 11.30
N LEU A 326 -2.56 13.78 12.22
CA LEU A 326 -3.82 14.06 12.88
C LEU A 326 -3.91 13.21 14.17
N TRP A 327 -3.37 11.98 14.22
CA TRP A 327 -3.37 11.12 15.45
C TRP A 327 -2.32 11.55 16.52
N HIS A 328 -1.13 11.99 16.12
CA HIS A 328 -0.25 12.84 17.01
C HIS A 328 -0.74 14.32 17.09
N GLU A 329 -2.00 14.59 17.40
CA GLU A 329 -2.56 15.97 17.49
C GLU A 329 -2.07 16.83 16.31
N ASP A 331 -6.07 10.86 21.25
CA ASP A 331 -6.74 10.02 20.22
C ASP A 331 -6.64 8.55 20.61
N ILE A 332 -5.46 8.08 21.03
CA ILE A 332 -5.29 6.66 21.41
C ILE A 332 -6.39 6.33 22.44
N SER A 333 -6.72 7.33 23.26
CA SER A 333 -7.45 7.17 24.53
C SER A 333 -8.86 7.77 24.45
N HIS A 334 -9.06 8.82 23.67
CA HIS A 334 -10.31 9.62 23.63
C HIS A 334 -11.05 9.47 22.30
N SER A 335 -10.41 8.88 21.27
CA SER A 335 -11.04 8.74 19.93
C SER A 335 -11.56 7.32 19.69
N SER A 336 -12.67 7.23 18.97
CA SER A 336 -13.26 5.97 18.52
C SER A 336 -12.55 5.40 17.27
N VAL A 337 -11.76 6.14 16.52
CA VAL A 337 -11.56 5.76 15.09
C VAL A 337 -10.88 4.37 14.99
N GLU A 338 -9.79 4.12 15.69
CA GLU A 338 -8.99 2.90 15.50
C GLU A 338 -9.66 1.73 16.20
N ARG A 339 -10.34 1.97 17.33
CA ARG A 339 -11.11 0.93 18.06
C ARG A 339 -12.19 0.37 17.12
N VAL A 340 -12.71 1.21 16.23
CA VAL A 340 -13.72 0.73 15.25
C VAL A 340 -12.98 0.13 14.03
N ILE A 341 -12.16 0.87 13.28
CA ILE A 341 -11.82 0.52 11.86
C ILE A 341 -10.83 -0.67 11.81
N LEU A 342 -9.88 -0.80 12.73
CA LEU A 342 -8.82 -1.82 12.65
C LEU A 342 -9.38 -3.21 12.99
N PRO A 343 -10.11 -3.43 14.10
CA PRO A 343 -10.77 -4.70 14.31
C PRO A 343 -11.80 -4.98 13.21
N ASP A 344 -12.60 -3.98 12.81
CA ASP A 344 -13.66 -4.22 11.80
C ASP A 344 -13.02 -4.55 10.46
N ALA A 345 -12.03 -3.80 9.98
CA ALA A 345 -11.50 -4.06 8.64
C ALA A 345 -10.81 -5.44 8.65
N THR A 346 -9.97 -5.75 9.65
CA THR A 346 -9.26 -7.06 9.70
C THR A 346 -10.28 -8.19 9.81
N THR A 347 -11.38 -8.04 10.57
CA THR A 347 -12.44 -9.07 10.75
C THR A 347 -13.19 -9.33 9.42
N LEU A 348 -13.61 -8.26 8.77
CA LEU A 348 -14.31 -8.36 7.48
C LEU A 348 -13.40 -9.00 6.42
N ALA A 349 -12.13 -8.67 6.37
CA ALA A 349 -11.22 -9.29 5.38
C ALA A 349 -11.15 -10.80 5.63
N HIS A 350 -11.00 -11.21 6.89
CA HIS A 350 -10.82 -12.62 7.27
C HIS A 350 -12.12 -13.35 6.91
N TYR A 351 -13.24 -12.76 7.29
CA TYR A 351 -14.59 -13.30 6.98
C TYR A 351 -14.75 -13.44 5.48
N ALA A 352 -14.49 -12.37 4.70
CA ALA A 352 -14.72 -12.39 3.23
C ALA A 352 -13.83 -13.46 2.58
N LEU A 353 -12.56 -13.54 3.00
CA LEU A 353 -11.65 -14.55 2.40
C LEU A 353 -12.15 -15.97 2.74
N ARG A 354 -12.68 -16.19 3.94
CA ARG A 354 -13.17 -17.53 4.33
C ARG A 354 -14.40 -17.88 3.48
N ARG A 355 -15.34 -16.95 3.37
CA ARG A 355 -16.56 -17.16 2.58
C ARG A 355 -16.13 -17.36 1.13
N LEU A 356 -15.20 -16.55 0.59
CA LEU A 356 -14.87 -16.66 -0.85
C LEU A 356 -14.25 -18.05 -1.09
N LYS A 357 -13.41 -18.52 -0.17
CA LYS A 357 -12.74 -19.86 -0.23
C LYS A 357 -13.79 -20.97 -0.22
N GLY A 358 -14.79 -20.90 0.68
CA GLY A 358 -15.92 -21.86 0.65
C GLY A 358 -16.59 -21.92 -0.73
N ILE A 359 -16.85 -20.77 -1.33
CA ILE A 359 -17.57 -20.71 -2.64
C ILE A 359 -16.69 -21.28 -3.75
N LEU A 360 -15.40 -20.99 -3.76
CA LEU A 360 -14.53 -21.50 -4.85
C LEU A 360 -14.42 -23.04 -4.70
N GLU A 361 -14.36 -23.52 -3.47
CA GLU A 361 -14.28 -24.97 -3.19
C GLU A 361 -15.58 -25.64 -3.59
N GLY A 362 -16.71 -25.00 -3.31
CA GLY A 362 -18.02 -25.49 -3.80
C GLY A 362 -18.05 -25.60 -5.31
N LEU A 363 -17.46 -24.65 -6.02
CA LEU A 363 -17.43 -24.58 -7.51
C LEU A 363 -16.50 -25.69 -8.03
N GLU A 364 -16.87 -26.37 -9.12
CA GLU A 364 -16.05 -27.54 -9.62
C GLU A 364 -16.78 -28.24 -10.81
N PRO A 443 -6.18 -25.07 -30.61
CA PRO A 443 -5.84 -24.33 -31.83
C PRO A 443 -5.63 -22.82 -31.57
N PHE A 444 -6.57 -22.19 -30.83
CA PHE A 444 -6.51 -20.82 -30.26
C PHE A 444 -5.83 -20.85 -28.87
N LEU A 445 -5.42 -22.04 -28.40
CA LEU A 445 -4.97 -22.30 -27.01
C LEU A 445 -3.50 -22.70 -27.05
N ARG A 446 -2.81 -22.34 -28.12
CA ARG A 446 -1.36 -22.61 -28.41
C ARG A 446 -0.48 -22.10 -27.25
N HIS A 447 -0.86 -21.07 -26.49
CA HIS A 447 0.08 -20.46 -25.50
C HIS A 447 -0.32 -20.72 -24.04
N VAL A 448 -1.38 -21.47 -23.78
CA VAL A 448 -1.95 -21.73 -22.42
C VAL A 448 -0.91 -22.44 -21.54
N ASP A 449 -0.21 -23.44 -22.06
CA ASP A 449 0.79 -24.18 -21.24
C ASP A 449 1.84 -23.19 -20.73
N ALA A 450 2.32 -22.31 -21.61
CA ALA A 450 3.37 -21.33 -21.26
C ALA A 450 2.82 -20.34 -20.22
N ILE A 451 1.58 -19.88 -20.40
CA ILE A 451 0.96 -18.94 -19.43
C ILE A 451 0.86 -19.68 -18.11
N TYR A 452 0.41 -20.93 -18.12
CA TYR A 452 0.20 -21.66 -16.85
C TYR A 452 1.56 -21.83 -16.19
N ALA A 453 2.63 -22.00 -16.97
CA ALA A 453 4.01 -22.25 -16.43
C ALA A 453 4.53 -21.02 -15.70
N ARG A 454 4.06 -19.82 -15.99
CA ARG A 454 4.52 -18.61 -15.22
C ARG A 454 4.02 -18.73 -13.78
N PHE A 455 2.96 -19.52 -13.55
CA PHE A 455 2.36 -19.73 -12.21
C PHE A 455 2.85 -21.04 -11.62
N GLY A 456 3.70 -21.78 -12.35
CA GLY A 456 4.22 -23.09 -11.93
C GLY A 456 3.11 -24.12 -11.97
N LEU A 457 2.21 -24.01 -12.94
CA LEU A 457 1.10 -24.97 -13.20
C LEU A 457 1.13 -25.47 -14.66
N MET B 22 -6.35 19.65 -14.68
CA MET B 22 -5.75 20.25 -13.45
C MET B 22 -5.37 21.70 -13.78
N ILE B 23 -5.79 22.64 -12.93
CA ILE B 23 -5.55 24.11 -13.08
C ILE B 23 -4.04 24.38 -12.90
N ALA B 24 -3.49 25.36 -13.65
CA ALA B 24 -2.04 25.61 -13.88
C ALA B 24 -1.29 25.89 -12.57
N ARG B 25 -1.92 26.62 -11.66
CA ARG B 25 -1.37 26.99 -10.33
C ARG B 25 -0.81 25.73 -9.63
N TYR B 26 -1.39 24.56 -9.82
CA TYR B 26 -1.04 23.34 -9.02
C TYR B 26 -0.44 22.30 -9.94
N GLN B 27 0.12 22.75 -11.04
CA GLN B 27 0.78 21.92 -12.07
C GLN B 27 2.28 22.18 -12.01
N THR B 28 3.10 21.18 -12.29
CA THR B 28 4.53 21.36 -12.56
C THR B 28 4.71 21.30 -14.07
N PRO B 29 5.72 21.99 -14.61
CA PRO B 29 5.98 21.95 -16.05
C PRO B 29 6.25 20.50 -16.49
N GLU B 30 6.99 19.72 -15.69
CA GLU B 30 7.33 18.34 -16.05
C GLU B 30 6.04 17.50 -16.18
N MET B 31 5.04 17.71 -15.32
CA MET B 31 3.79 16.90 -15.31
C MET B 31 2.85 17.34 -16.44
N ALA B 32 2.85 18.64 -16.76
CA ALA B 32 2.03 19.24 -17.85
C ALA B 32 2.45 18.64 -19.20
N ARG B 33 3.75 18.51 -19.41
CA ARG B 33 4.33 17.87 -20.63
C ARG B 33 4.02 16.35 -20.58
N LEU B 34 4.34 15.67 -19.50
CA LEU B 34 4.18 14.19 -19.40
C LEU B 34 2.71 13.81 -19.72
N TRP B 35 1.74 14.54 -19.19
CA TRP B 35 0.29 14.20 -19.32
C TRP B 35 -0.42 14.93 -20.44
N SER B 36 0.27 15.73 -21.24
CA SER B 36 -0.32 16.33 -22.48
C SER B 36 -0.74 15.23 -23.49
N GLU B 37 -1.79 15.51 -24.27
CA GLU B 37 -2.20 14.83 -25.53
C GLU B 37 -0.95 14.43 -26.34
N GLU B 38 -0.09 15.38 -26.63
CA GLU B 38 1.08 15.20 -27.52
C GLU B 38 1.96 14.06 -26.96
N SER B 39 2.23 14.09 -25.66
CA SER B 39 3.11 13.13 -24.99
C SER B 39 2.48 11.71 -25.01
N ARG B 40 1.15 11.62 -24.91
CA ARG B 40 0.41 10.34 -25.00
C ARG B 40 0.56 9.79 -26.43
N TYR B 41 0.38 10.61 -27.46
CA TYR B 41 0.48 10.17 -28.88
C TYR B 41 1.91 9.68 -29.15
N ARG B 42 2.91 10.38 -28.64
CA ARG B 42 4.32 9.99 -28.87
C ARG B 42 4.55 8.64 -28.22
N MET B 43 3.87 8.35 -27.10
CA MET B 43 4.12 7.08 -26.39
C MET B 43 3.40 5.97 -27.16
N TRP B 44 2.15 6.22 -27.56
CA TRP B 44 1.39 5.33 -28.48
C TRP B 44 2.25 4.96 -29.68
N ALA B 45 2.89 5.95 -30.30
CA ALA B 45 3.65 5.73 -31.55
C ALA B 45 4.85 4.85 -31.24
N ARG B 46 5.52 5.05 -30.11
CA ARG B 46 6.67 4.21 -29.70
C ARG B 46 6.21 2.75 -29.54
N VAL B 47 5.06 2.53 -28.91
CA VAL B 47 4.54 1.13 -28.71
C VAL B 47 4.31 0.51 -30.07
N GLU B 48 3.69 1.26 -30.98
CA GLU B 48 3.39 0.77 -32.35
C GLU B 48 4.70 0.41 -33.05
N ALA B 49 5.68 1.30 -32.97
CA ALA B 49 6.97 1.14 -33.68
C ALA B 49 7.72 -0.08 -33.12
N TYR B 50 7.78 -0.23 -31.80
CA TYR B 50 8.53 -1.34 -31.17
C TYR B 50 7.83 -2.67 -31.48
N ALA B 51 6.52 -2.68 -31.57
CA ALA B 51 5.74 -3.86 -31.98
C ALA B 51 6.11 -4.23 -33.43
N LEU B 52 6.09 -3.25 -34.35
CA LEU B 52 6.49 -3.49 -35.78
C LEU B 52 7.88 -4.11 -35.86
N GLU B 53 8.81 -3.60 -35.07
CA GLU B 53 10.21 -4.05 -35.01
C GLU B 53 10.24 -5.55 -34.68
N ALA B 54 9.42 -5.99 -33.73
CA ALA B 54 9.39 -7.41 -33.30
C ALA B 54 8.69 -8.27 -34.38
N TRP B 55 7.63 -7.78 -35.00
CA TRP B 55 6.94 -8.46 -36.11
C TRP B 55 7.96 -8.70 -37.25
N GLU B 56 8.73 -7.68 -37.60
CA GLU B 56 9.86 -7.72 -38.57
C GLU B 56 10.81 -8.89 -38.31
N ALA B 57 11.27 -9.09 -37.07
CA ALA B 57 12.13 -10.22 -36.71
C ALA B 57 11.41 -11.55 -37.04
N LEU B 58 10.07 -11.57 -37.03
CA LEU B 58 9.22 -12.78 -37.25
C LEU B 58 8.79 -12.89 -38.74
N GLY B 59 9.18 -11.99 -39.64
CA GLY B 59 8.91 -12.12 -41.10
C GLY B 59 7.53 -11.59 -41.47
N GLU B 60 6.88 -10.86 -40.58
CA GLU B 60 5.47 -10.44 -40.76
C GLU B 60 5.42 -8.98 -41.20
N VAL B 61 6.53 -8.25 -41.18
CA VAL B 61 6.52 -6.87 -41.76
C VAL B 61 7.83 -6.68 -42.51
N PRO B 62 7.77 -6.01 -43.68
CA PRO B 62 8.95 -5.72 -44.49
C PRO B 62 10.12 -5.15 -43.68
N LYS B 63 11.35 -5.62 -43.92
CA LYS B 63 12.56 -5.15 -43.19
C LYS B 63 12.61 -3.63 -43.37
N GLY B 64 12.97 -2.92 -42.32
CA GLY B 64 13.22 -1.48 -42.43
C GLY B 64 11.97 -0.65 -42.20
N LEU B 65 10.77 -1.24 -42.13
CA LEU B 65 9.54 -0.43 -41.88
C LEU B 65 9.60 0.26 -40.49
N SER B 66 10.06 -0.39 -39.42
CA SER B 66 10.04 0.20 -38.06
C SER B 66 11.13 1.30 -37.90
N ALA B 67 12.34 1.06 -38.41
CA ALA B 67 13.43 2.06 -38.49
C ALA B 67 12.93 3.31 -39.21
N ARG B 68 12.14 3.16 -40.27
CA ARG B 68 11.59 4.28 -41.06
C ARG B 68 10.60 5.09 -40.20
N LEU B 69 9.69 4.41 -39.51
CA LEU B 69 8.75 5.12 -38.61
C LEU B 69 9.53 5.84 -37.49
N LEU B 70 10.46 5.17 -36.82
CA LEU B 70 11.25 5.81 -35.72
C LEU B 70 12.07 6.99 -36.28
N ALA B 71 12.79 6.82 -37.40
CA ALA B 71 13.60 7.91 -38.00
C ALA B 71 12.72 9.14 -38.20
N LYS B 72 11.56 8.94 -38.78
CA LYS B 72 10.58 9.99 -39.14
C LYS B 72 10.01 10.63 -37.85
N LEU B 73 9.84 9.87 -36.78
CA LEU B 73 9.35 10.44 -35.48
C LEU B 73 10.46 11.28 -34.85
N GLU B 74 11.71 10.84 -34.95
CA GLU B 74 12.88 11.58 -34.40
C GLU B 74 12.94 12.93 -35.12
N GLU B 75 12.64 12.93 -36.41
CA GLU B 75 12.86 14.10 -37.28
C GLU B 75 11.70 15.06 -37.10
N LYS B 76 10.47 14.55 -36.94
CA LYS B 76 9.25 15.40 -36.86
C LYS B 76 8.41 14.97 -35.65
N PRO B 77 8.82 15.22 -34.38
CA PRO B 77 8.11 14.68 -33.22
C PRO B 77 6.60 15.03 -33.26
N LEU B 78 5.73 14.11 -32.80
CA LEU B 78 4.27 14.40 -32.73
C LEU B 78 4.06 15.59 -31.78
N ASP B 79 3.27 16.58 -32.20
CA ASP B 79 3.06 17.89 -31.51
C ASP B 79 1.56 18.30 -31.62
N GLY B 80 1.24 19.57 -31.33
CA GLY B 80 -0.12 20.12 -31.41
C GLY B 80 -0.79 19.82 -32.74
N ALA B 81 -0.08 20.01 -33.86
CA ALA B 81 -0.64 19.88 -35.22
C ALA B 81 -1.06 18.42 -35.46
N PHE B 82 -0.28 17.48 -34.91
CA PHE B 82 -0.64 16.05 -34.95
C PHE B 82 -1.90 15.83 -34.10
N ALA B 83 -1.92 16.36 -32.87
CA ALA B 83 -3.01 16.12 -31.88
C ALA B 83 -4.34 16.68 -32.39
N ARG B 84 -4.36 17.94 -32.84
CA ARG B 84 -5.53 18.57 -33.50
C ARG B 84 -5.95 17.68 -34.66
N ARG B 85 -5.01 17.31 -35.53
CA ARG B 85 -5.30 16.47 -36.73
C ARG B 85 -6.00 15.16 -36.30
N VAL B 86 -5.69 14.61 -35.12
CA VAL B 86 -6.31 13.35 -34.61
C VAL B 86 -7.72 13.66 -34.10
N ALA B 87 -7.86 14.73 -33.31
CA ALA B 87 -9.15 15.26 -32.77
C ALA B 87 -10.16 15.54 -33.90
N GLU B 88 -9.69 15.68 -35.15
CA GLU B 88 -10.57 15.79 -36.36
C GLU B 88 -11.13 14.40 -36.70
N LEU B 89 -10.26 13.47 -37.11
CA LEU B 89 -10.62 12.11 -37.60
C LEU B 89 -11.55 11.39 -36.61
N GLU B 90 -11.62 11.88 -35.36
CA GLU B 90 -12.66 11.52 -34.37
C GLU B 90 -13.97 12.28 -34.69
N LEU B 97 -8.50 3.65 -32.04
CA LEU B 97 -7.14 4.04 -32.54
C LEU B 97 -7.09 4.13 -34.07
N VAL B 98 -8.22 3.97 -34.76
CA VAL B 98 -8.27 4.13 -36.24
C VAL B 98 -7.82 5.57 -36.60
N ALA B 99 -8.44 6.59 -36.00
CA ALA B 99 -8.10 8.01 -36.21
C ALA B 99 -6.60 8.22 -36.02
N PHE B 100 -6.05 7.69 -34.92
CA PHE B 100 -4.63 7.90 -34.56
C PHE B 100 -3.75 7.23 -35.62
N THR B 101 -4.05 6.00 -36.02
CA THR B 101 -3.19 5.23 -36.98
C THR B 101 -3.27 5.86 -38.38
N ARG B 102 -4.45 6.27 -38.84
CA ARG B 102 -4.57 7.04 -40.09
C ARG B 102 -3.69 8.28 -39.97
N ALA B 103 -3.96 9.13 -38.97
CA ALA B 103 -3.21 10.38 -38.72
C ALA B 103 -1.71 10.11 -38.64
N LEU B 104 -1.27 8.94 -38.17
CA LEU B 104 0.18 8.58 -38.01
C LEU B 104 0.78 8.29 -39.38
N ALA B 105 0.06 7.51 -40.21
CA ALA B 105 0.47 7.12 -41.59
C ALA B 105 0.49 8.37 -42.49
N GLU B 106 -0.61 9.13 -42.50
CA GLU B 106 -0.74 10.43 -43.22
C GLU B 106 0.39 11.38 -42.81
N TRP B 107 0.69 11.50 -41.52
CA TRP B 107 1.60 12.54 -40.98
C TRP B 107 3.06 12.14 -41.22
N THR B 108 3.33 10.90 -41.61
CA THR B 108 4.65 10.44 -42.10
C THR B 108 4.62 10.16 -43.62
N GLY B 109 3.47 10.39 -44.28
CA GLY B 109 3.31 10.25 -45.74
C GLY B 109 3.54 8.84 -46.28
N ASP B 110 3.66 7.82 -45.42
CA ASP B 110 4.11 6.46 -45.85
C ASP B 110 2.97 5.74 -46.60
N GLU B 112 2.67 2.16 -46.46
CA GLU B 112 2.92 0.76 -46.04
C GLU B 112 2.48 0.60 -44.58
N VAL B 113 2.99 1.47 -43.70
CA VAL B 113 2.79 1.44 -42.21
C VAL B 113 1.34 1.09 -41.87
N GLY B 114 0.37 1.71 -42.53
CA GLY B 114 -1.09 1.50 -42.32
C GLY B 114 -1.45 0.03 -42.19
N ARG B 115 -1.03 -0.82 -43.15
CA ARG B 115 -1.43 -2.26 -43.21
C ARG B 115 -0.92 -3.02 -41.99
N TYR B 116 0.21 -2.60 -41.43
CA TYR B 116 0.95 -3.40 -40.43
C TYR B 116 0.59 -3.02 -38.99
N LEU B 117 -0.52 -2.30 -38.73
CA LEU B 117 -0.96 -1.87 -37.36
C LEU B 117 -2.31 -2.51 -36.97
N LEU B 119 -2.83 -6.05 -37.19
CA LEU B 119 -1.92 -7.23 -37.21
C LEU B 119 -2.10 -8.17 -35.99
N GLY B 120 -2.86 -7.80 -34.96
CA GLY B 120 -3.05 -8.66 -33.76
C GLY B 120 -3.19 -7.86 -32.46
N LEU B 121 -2.47 -6.75 -32.33
CA LEU B 121 -2.53 -5.90 -31.14
C LEU B 121 -3.90 -5.32 -31.09
N THR B 122 -4.40 -5.06 -29.89
CA THR B 122 -5.68 -4.36 -29.63
C THR B 122 -5.34 -2.92 -29.29
N SER B 123 -6.35 -2.05 -29.29
CA SER B 123 -6.32 -0.70 -28.68
C SER B 123 -5.75 -0.75 -27.26
N SER B 124 -6.28 -1.64 -26.44
CA SER B 124 -5.95 -1.74 -25.00
C SER B 124 -4.48 -2.08 -24.85
N ASP B 125 -3.98 -2.97 -25.71
CA ASP B 125 -2.55 -3.32 -25.70
C ASP B 125 -1.73 -2.03 -25.83
N ILE B 126 -2.03 -1.23 -26.85
CA ILE B 126 -1.30 0.04 -27.15
C ILE B 126 -1.47 1.03 -25.98
N VAL B 127 -2.72 1.35 -25.62
CA VAL B 127 -3.13 2.43 -24.68
C VAL B 127 -2.73 2.07 -23.24
N ASP B 128 -2.95 0.84 -22.82
CA ASP B 128 -2.63 0.42 -21.43
C ASP B 128 -1.10 0.35 -21.31
N THR B 129 -0.41 -0.08 -22.35
CA THR B 129 1.08 -0.18 -22.29
C THR B 129 1.64 1.22 -22.19
N ALA B 130 1.15 2.14 -23.00
CA ALA B 130 1.64 3.54 -23.02
C ALA B 130 1.37 4.21 -21.68
N GLN B 131 0.19 4.01 -21.11
CA GLN B 131 -0.21 4.62 -19.82
C GLN B 131 0.70 4.10 -18.69
N ASN B 132 1.02 2.81 -18.70
CA ASN B 132 1.99 2.22 -17.74
C ASN B 132 3.34 2.94 -17.87
N ALA B 133 3.83 3.10 -19.10
CA ALA B 133 5.11 3.76 -19.35
C ALA B 133 5.02 5.15 -18.77
N LEU B 134 3.96 5.89 -19.07
CA LEU B 134 3.81 7.27 -18.56
C LEU B 134 3.79 7.29 -17.02
N LEU B 135 3.11 6.32 -16.41
CA LEU B 135 2.96 6.25 -14.92
C LEU B 135 4.31 5.92 -14.30
N VAL B 136 5.10 5.05 -14.94
CA VAL B 136 6.49 4.81 -14.48
C VAL B 136 7.28 6.13 -14.49
N GLU B 137 7.13 6.96 -15.53
CA GLU B 137 7.85 8.24 -15.63
C GLU B 137 7.34 9.16 -14.51
N ALA B 138 6.01 9.27 -14.36
CA ALA B 138 5.38 10.17 -13.36
C ALA B 138 5.88 9.80 -11.97
N LEU B 139 6.02 8.51 -11.69
CA LEU B 139 6.43 8.07 -10.34
C LEU B 139 7.91 8.40 -10.16
N GLY B 140 8.69 8.35 -11.25
CA GLY B 140 10.11 8.78 -11.26
C GLY B 140 10.22 10.26 -10.90
N LEU B 141 9.36 11.10 -11.46
CA LEU B 141 9.30 12.55 -11.07
C LEU B 141 8.92 12.72 -9.59
N VAL B 142 7.91 12.00 -9.08
CA VAL B 142 7.49 12.10 -7.66
C VAL B 142 8.65 11.64 -6.76
N LEU B 143 9.36 10.57 -7.13
CA LEU B 143 10.51 10.07 -6.35
C LEU B 143 11.62 11.10 -6.38
N GLU B 144 11.85 11.76 -7.52
CA GLU B 144 12.95 12.77 -7.62
C GLU B 144 12.67 13.87 -6.58
N GLU B 145 11.42 14.33 -6.49
CA GLU B 145 11.03 15.48 -5.60
C GLU B 145 11.01 14.97 -4.15
N LEU B 146 10.55 13.74 -3.94
CA LEU B 146 10.54 13.16 -2.59
C LEU B 146 11.96 13.18 -2.05
N LYS B 147 12.94 12.84 -2.89
CA LYS B 147 14.38 12.79 -2.49
C LYS B 147 14.82 14.21 -2.04
N GLY B 148 14.39 15.26 -2.74
CA GLY B 148 14.60 16.66 -2.30
C GLY B 148 14.04 16.95 -0.90
N VAL B 149 12.81 16.52 -0.63
CA VAL B 149 12.17 16.70 0.71
C VAL B 149 12.99 15.87 1.71
N GLU B 150 13.33 14.63 1.37
CA GLU B 150 14.11 13.75 2.24
C GLU B 150 15.44 14.46 2.55
N GLU B 151 16.10 15.08 1.57
CA GLU B 151 17.42 15.73 1.78
C GLU B 151 17.26 16.95 2.70
N ALA B 152 16.26 17.79 2.46
CA ALA B 152 15.98 18.94 3.32
C ALA B 152 15.70 18.49 4.77
N LEU B 153 14.99 17.39 4.99
CA LEU B 153 14.63 17.00 6.38
C LEU B 153 15.87 16.46 7.10
N LYS B 154 16.69 15.67 6.40
CA LYS B 154 18.02 15.18 6.85
C LYS B 154 18.85 16.39 7.35
N ALA B 155 18.95 17.43 6.53
CA ALA B 155 19.76 18.65 6.78
C ALA B 155 19.22 19.39 8.00
N LEU B 156 17.90 19.61 8.04
CA LEU B 156 17.23 20.26 9.20
C LEU B 156 17.41 19.42 10.46
N ALA B 157 17.37 18.10 10.35
CA ALA B 157 17.49 17.20 11.52
C ALA B 157 18.93 17.27 12.06
N LEU B 158 19.92 17.36 11.16
CA LEU B 158 21.35 17.43 11.56
C LEU B 158 21.59 18.79 12.20
N ARG B 159 21.15 19.85 11.52
CA ARG B 159 21.35 21.23 11.96
C ARG B 159 20.87 21.35 13.40
N HIS B 160 19.73 20.74 13.74
CA HIS B 160 19.04 20.91 15.05
C HIS B 160 19.22 19.66 15.93
N LYS B 161 20.20 18.80 15.64
CA LYS B 161 20.45 17.54 16.41
C LYS B 161 20.65 17.81 17.91
N HIS B 162 21.32 18.92 18.28
CA HIS B 162 21.71 19.28 19.68
C HIS B 162 21.04 20.57 20.12
N THR B 163 20.07 21.08 19.35
CA THR B 163 19.19 22.21 19.72
C THR B 163 18.18 21.71 20.75
N PRO B 164 18.16 22.26 21.99
CA PRO B 164 17.11 21.95 22.96
C PRO B 164 15.77 22.62 22.66
N ALA B 165 14.64 22.00 23.05
CA ALA B 165 13.26 22.49 22.78
C ALA B 165 12.39 22.50 24.03
N PRO B 176 12.11 18.80 27.81
CA PRO B 176 13.41 19.08 27.13
C PRO B 176 13.85 17.92 26.21
N THR B 177 14.14 18.19 24.93
CA THR B 177 14.45 17.16 23.90
C THR B 177 15.25 17.84 22.79
N SER B 178 15.75 17.08 21.82
CA SER B 178 16.31 17.61 20.55
C SER B 178 15.17 18.06 19.62
N PHE B 179 15.17 19.32 19.22
CA PHE B 179 14.25 19.91 18.21
C PHE B 179 14.43 19.17 16.87
N GLY B 180 15.59 18.55 16.67
CA GLY B 180 15.96 17.80 15.46
C GLY B 180 15.11 16.53 15.26
N LEU B 181 14.66 15.88 16.33
CA LEU B 181 13.98 14.56 16.29
C LEU B 181 12.69 14.68 15.49
N ARG B 182 12.01 15.81 15.60
CA ARG B 182 10.76 16.10 14.88
C ARG B 182 11.00 15.93 13.37
N PHE B 183 12.10 16.45 12.83
CA PHE B 183 12.43 16.43 11.37
C PHE B 183 12.79 14.99 11.00
N LEU B 184 13.50 14.31 11.87
CA LEU B 184 13.79 12.86 11.70
C LEU B 184 12.50 12.03 11.62
N SER B 185 11.46 12.32 12.42
CA SER B 185 10.14 11.64 12.33
C SER B 185 9.57 11.84 10.92
N PHE B 186 9.64 13.05 10.39
CA PHE B 186 9.13 13.34 9.03
C PHE B 186 9.94 12.52 8.05
N LEU B 187 11.26 12.49 8.28
CA LEU B 187 12.16 11.81 7.33
C LEU B 187 11.73 10.34 7.29
N ALA B 188 11.54 9.72 8.45
CA ALA B 188 11.27 8.28 8.53
C ALA B 188 9.99 7.97 7.76
N ALA B 189 8.96 8.83 7.86
CA ALA B 189 7.69 8.66 7.14
C ALA B 189 7.93 8.76 5.62
N PHE B 190 8.68 9.76 5.20
CA PHE B 190 8.95 9.99 3.75
C PHE B 190 9.76 8.84 3.17
N GLN B 191 10.60 8.22 3.98
CA GLN B 191 11.43 7.07 3.54
C GLN B 191 10.49 5.89 3.38
N ARG B 192 9.45 5.80 4.23
CA ARG B 192 8.45 4.72 4.06
C ARG B 192 7.68 5.02 2.77
N ASP B 193 7.37 6.28 2.51
CA ASP B 193 6.62 6.64 1.28
C ASP B 193 7.49 6.26 0.08
N GLU B 194 8.80 6.50 0.17
CA GLU B 194 9.74 6.19 -0.95
C GLU B 194 9.66 4.70 -1.28
N GLU B 195 9.76 3.87 -0.26
CA GLU B 195 9.67 2.40 -0.39
C GLU B 195 8.32 2.08 -1.04
N ARG B 196 7.21 2.68 -0.55
CA ARG B 196 5.86 2.37 -1.09
C ARG B 196 5.81 2.82 -2.55
N LEU B 197 6.30 4.03 -2.87
CA LEU B 197 6.25 4.55 -4.26
C LEU B 197 7.16 3.70 -5.14
N LYS B 198 8.30 3.19 -4.66
CA LYS B 198 9.15 2.32 -5.53
C LYS B 198 8.45 0.98 -5.81
N ARG B 199 7.75 0.41 -4.83
CA ARG B 199 6.96 -0.84 -5.03
C ARG B 199 5.81 -0.55 -5.99
N ALA B 200 5.11 0.58 -5.85
CA ALA B 200 4.02 0.93 -6.77
C ALA B 200 4.58 1.02 -8.19
N ARG B 201 5.76 1.62 -8.36
CA ARG B 201 6.42 1.79 -9.68
C ARG B 201 6.73 0.40 -10.28
N GLU B 202 7.26 -0.55 -9.50
CA GLU B 202 7.50 -1.94 -9.95
C GLU B 202 6.15 -2.58 -10.31
N THR B 203 5.10 -2.41 -9.53
CA THR B 203 3.83 -3.11 -9.84
C THR B 203 3.25 -2.61 -11.19
N ILE B 204 3.36 -1.33 -11.46
CA ILE B 204 2.62 -0.70 -12.59
C ILE B 204 3.45 -0.86 -13.86
N GLY B 205 4.75 -1.17 -13.73
CA GLY B 205 5.73 -1.19 -14.85
C GLY B 205 5.58 -2.42 -15.74
N VAL B 206 4.39 -2.66 -16.28
CA VAL B 206 4.09 -3.85 -17.14
C VAL B 206 3.57 -3.43 -18.51
N ALA B 207 3.83 -4.26 -19.50
CA ALA B 207 3.45 -4.09 -20.91
C ALA B 207 2.48 -5.22 -21.25
N MET B 208 1.30 -4.87 -21.76
CA MET B 208 0.31 -5.84 -22.27
C MET B 208 0.28 -5.67 -23.81
N LEU B 209 0.72 -6.70 -24.52
CA LEU B 209 0.56 -6.87 -25.97
C LEU B 209 0.15 -8.32 -26.20
N SER B 210 -1.07 -8.67 -25.83
CA SER B 210 -1.52 -10.07 -25.66
C SER B 210 -2.69 -10.40 -26.60
N GLY B 211 -3.19 -9.44 -27.36
CA GLY B 211 -4.30 -9.63 -28.30
C GLY B 211 -5.66 -9.66 -27.64
N SER B 212 -6.70 -10.03 -28.40
CA SER B 212 -8.12 -9.75 -28.05
C SER B 212 -8.48 -10.21 -26.65
N VAL B 213 -8.13 -11.43 -26.22
CA VAL B 213 -8.64 -11.93 -24.89
C VAL B 213 -7.47 -12.21 -23.94
N GLY B 214 -6.24 -11.91 -24.35
CA GLY B 214 -5.09 -11.88 -23.44
C GLY B 214 -4.32 -13.19 -23.42
N ASN B 215 -4.51 -14.05 -24.42
CA ASN B 215 -3.93 -15.44 -24.45
C ASN B 215 -2.97 -15.61 -25.62
N TYR B 216 -2.59 -14.50 -26.28
CA TYR B 216 -1.50 -14.44 -27.30
C TYR B 216 -1.86 -15.23 -28.56
N ALA B 217 -3.13 -15.55 -28.77
CA ALA B 217 -3.59 -16.29 -29.96
C ALA B 217 -3.13 -15.54 -31.22
N HIS B 218 -3.32 -14.21 -31.25
CA HIS B 218 -3.09 -13.38 -32.47
C HIS B 218 -1.76 -12.62 -32.38
N VAL B 219 -1.01 -12.73 -31.28
CA VAL B 219 0.30 -12.04 -31.16
C VAL B 219 1.24 -12.88 -30.31
N PRO B 220 2.34 -13.41 -30.91
CA PRO B 220 3.34 -14.18 -30.18
C PRO B 220 3.87 -13.42 -28.97
N PRO B 221 4.09 -14.12 -27.84
CA PRO B 221 4.56 -13.53 -26.59
C PRO B 221 5.86 -12.75 -26.79
N GLU B 222 6.61 -13.09 -27.85
CA GLU B 222 7.89 -12.43 -28.23
C GLU B 222 7.65 -10.95 -28.50
N VAL B 223 6.52 -10.57 -29.12
CA VAL B 223 6.23 -9.14 -29.42
C VAL B 223 6.18 -8.37 -28.09
N GLU B 224 5.40 -8.86 -27.15
CA GLU B 224 5.22 -8.21 -25.84
C GLU B 224 6.58 -8.16 -25.18
N ALA B 225 7.34 -9.26 -25.19
CA ALA B 225 8.63 -9.29 -24.47
C ALA B 225 9.51 -8.18 -25.05
N HIS B 226 9.47 -8.01 -26.37
CA HIS B 226 10.35 -7.05 -27.06
C HIS B 226 9.91 -5.61 -26.73
N VAL B 227 8.60 -5.36 -26.78
CA VAL B 227 8.06 -4.01 -26.50
C VAL B 227 8.37 -3.65 -25.06
N ALA B 228 8.15 -4.58 -24.12
CA ALA B 228 8.42 -4.39 -22.69
C ALA B 228 9.87 -3.93 -22.51
N SER B 229 10.79 -4.77 -22.98
CA SER B 229 12.26 -4.48 -22.97
C SER B 229 12.55 -3.08 -23.54
N ARG B 230 11.93 -2.70 -24.66
CA ARG B 230 12.26 -1.39 -25.28
C ARG B 230 11.72 -0.25 -24.41
N LEU B 231 10.67 -0.49 -23.63
CA LEU B 231 10.07 0.57 -22.80
C LEU B 231 10.64 0.54 -21.38
N GLY B 232 11.53 -0.40 -21.03
CA GLY B 232 12.04 -0.51 -19.64
C GLY B 232 10.95 -1.08 -18.72
N LEU B 233 9.89 -1.65 -19.28
CA LEU B 233 8.84 -2.42 -18.58
C LEU B 233 9.15 -3.93 -18.63
N ARG B 234 8.36 -4.72 -17.91
CA ARG B 234 8.38 -6.18 -17.99
C ARG B 234 7.03 -6.62 -18.54
N PRO B 235 6.99 -7.79 -19.18
CA PRO B 235 5.72 -8.36 -19.63
C PRO B 235 4.68 -8.51 -18.49
N GLU B 236 3.43 -8.12 -18.74
CA GLU B 236 2.30 -8.36 -17.82
C GLU B 236 2.12 -9.87 -17.75
N PRO B 237 2.36 -10.54 -16.59
CA PRO B 237 2.38 -12.00 -16.57
C PRO B 237 1.00 -12.59 -16.80
N LEU B 238 -0.06 -11.84 -16.54
CA LEU B 238 -1.40 -12.33 -16.90
C LEU B 238 -2.42 -11.20 -17.01
N SER B 239 -2.72 -10.94 -18.27
CA SER B 239 -3.64 -9.87 -18.72
C SER B 239 -4.94 -10.55 -19.17
N THR B 240 -6.03 -9.80 -19.19
CA THR B 240 -7.27 -10.16 -19.93
C THR B 240 -7.28 -9.24 -21.16
N GLN B 241 -8.41 -8.64 -21.49
CA GLN B 241 -8.44 -7.53 -22.49
C GLN B 241 -7.66 -6.34 -21.90
N VAL B 242 -7.57 -6.23 -20.56
CA VAL B 242 -6.92 -5.07 -19.87
C VAL B 242 -5.84 -5.54 -18.89
N VAL B 243 -4.99 -4.62 -18.47
CA VAL B 243 -4.09 -4.80 -17.32
C VAL B 243 -4.93 -4.76 -16.04
N PRO B 244 -4.70 -5.63 -15.03
CA PRO B 244 -5.49 -5.62 -13.81
C PRO B 244 -5.32 -4.32 -13.00
N ARG B 245 -6.41 -3.87 -12.37
CA ARG B 245 -6.45 -2.49 -11.84
C ARG B 245 -6.10 -2.49 -10.37
N ASP B 246 -5.80 -3.64 -9.74
CA ASP B 246 -5.20 -3.61 -8.37
C ASP B 246 -3.85 -2.90 -8.52
N ARG B 247 -3.25 -2.89 -9.71
CA ARG B 247 -1.93 -2.26 -9.96
C ARG B 247 -2.11 -0.74 -9.85
N HIS B 248 -3.09 -0.17 -10.58
CA HIS B 248 -3.39 1.28 -10.52
C HIS B 248 -3.73 1.62 -9.05
N ALA B 249 -4.49 0.77 -8.37
CA ALA B 249 -5.03 1.11 -7.02
C ALA B 249 -3.87 1.24 -6.05
N GLU B 250 -2.82 0.42 -6.21
CA GLU B 250 -1.64 0.45 -5.31
C GLU B 250 -0.92 1.78 -5.54
N VAL B 251 -0.80 2.23 -6.80
CA VAL B 251 -0.17 3.54 -7.15
C VAL B 251 -0.92 4.66 -6.41
N MET B 252 -2.23 4.72 -6.57
CA MET B 252 -3.08 5.81 -6.02
C MET B 252 -3.08 5.77 -4.48
N ALA B 253 -3.06 4.59 -3.88
CA ALA B 253 -3.01 4.40 -2.41
C ALA B 253 -1.66 4.87 -1.91
N ALA B 254 -0.57 4.53 -2.63
CA ALA B 254 0.74 5.08 -2.26
C ALA B 254 0.66 6.61 -2.29
N LEU B 255 0.00 7.22 -3.29
CA LEU B 255 -0.05 8.70 -3.39
C LEU B 255 -0.89 9.28 -2.26
N ALA B 256 -1.96 8.60 -1.88
CA ALA B 256 -2.85 9.09 -0.82
C ALA B 256 -2.09 9.04 0.51
N ILE B 257 -1.31 7.99 0.76
CA ILE B 257 -0.50 7.87 2.01
C ILE B 257 0.62 8.95 1.99
N LEU B 258 1.23 9.22 0.85
CA LEU B 258 2.23 10.30 0.70
C LEU B 258 1.57 11.64 1.04
N GLY B 259 0.37 11.89 0.51
CA GLY B 259 -0.38 13.13 0.81
C GLY B 259 -0.58 13.33 2.29
N GLY B 260 -0.97 12.29 3.00
CA GLY B 260 -1.17 12.38 4.45
C GLY B 260 0.12 12.79 5.14
N ASN B 261 1.27 12.29 4.69
CA ASN B 261 2.57 12.61 5.36
C ASN B 261 2.96 14.05 5.02
N ILE B 262 2.66 14.53 3.81
CA ILE B 262 2.88 15.94 3.43
C ILE B 262 1.99 16.78 4.39
N GLU B 263 0.75 16.35 4.59
CA GLU B 263 -0.23 17.09 5.42
C GLU B 263 0.37 17.21 6.82
N ARG B 264 0.94 16.12 7.33
CA ARG B 264 1.42 16.05 8.71
C ARG B 264 2.48 17.15 8.90
N VAL B 265 3.42 17.23 7.98
CA VAL B 265 4.52 18.21 8.07
C VAL B 265 3.88 19.59 8.13
N ALA B 266 2.91 19.83 7.26
CA ALA B 266 2.29 21.16 7.09
C ALA B 266 1.56 21.55 8.37
N VAL B 267 0.75 20.66 8.93
CA VAL B 267 0.04 20.86 10.22
C VAL B 267 1.08 21.01 11.35
N GLU B 268 2.10 20.16 11.43
CA GLU B 268 3.14 20.36 12.48
C GLU B 268 3.86 21.71 12.28
N LEU B 269 4.16 22.15 11.07
CA LEU B 269 4.95 23.40 10.89
C LEU B 269 4.16 24.61 11.42
N ARG B 270 2.82 24.60 11.35
CA ARG B 270 1.91 25.65 11.90
C ARG B 270 1.40 25.22 13.29
N LEU B 272 4.29 25.81 15.19
CA LEU B 272 5.60 26.47 15.51
C LEU B 272 5.58 27.93 15.06
N GLY B 302 2.37 28.88 2.87
CA GLY B 302 1.33 28.23 2.03
C GLY B 302 1.09 26.78 2.44
N LEU B 303 0.44 26.55 3.58
CA LEU B 303 0.18 25.21 4.16
C LEU B 303 -1.32 24.85 4.05
N GLU B 304 -2.23 25.80 3.75
CA GLU B 304 -3.63 25.51 3.29
C GLU B 304 -3.57 24.75 1.96
N ASN B 305 -2.59 25.11 1.16
CA ASN B 305 -2.23 24.50 -0.13
C ASN B 305 -1.87 23.02 0.02
N LEU B 306 -1.00 22.66 0.95
CA LEU B 306 -0.55 21.27 1.06
C LEU B 306 -1.68 20.44 1.69
N THR B 307 -2.44 20.97 2.64
CA THR B 307 -3.57 20.24 3.25
C THR B 307 -4.65 20.03 2.18
N GLY B 308 -4.91 21.03 1.32
CA GLY B 308 -5.83 20.94 0.17
C GLY B 308 -5.48 19.76 -0.75
N VAL B 309 -4.22 19.67 -1.15
CA VAL B 309 -3.71 18.59 -2.04
C VAL B 309 -3.97 17.23 -1.37
N ALA B 310 -3.71 17.13 -0.06
CA ALA B 310 -3.91 15.86 0.69
C ALA B 310 -5.38 15.47 0.60
N ARG B 311 -6.32 16.42 0.66
CA ARG B 311 -7.73 16.04 0.57
C ARG B 311 -8.05 15.55 -0.84
N LEU B 312 -7.46 16.16 -1.88
CA LEU B 312 -7.79 15.73 -3.26
C LEU B 312 -7.22 14.33 -3.45
N LEU B 313 -6.04 14.03 -2.88
CA LEU B 313 -5.37 12.71 -3.09
C LEU B 313 -6.23 11.61 -2.43
N ARG B 314 -6.85 11.89 -1.28
CA ARG B 314 -7.80 10.93 -0.66
C ARG B 314 -9.01 10.73 -1.55
N GLY B 315 -9.55 11.82 -2.08
CA GLY B 315 -10.72 11.77 -2.96
C GLY B 315 -10.43 10.95 -4.21
N TYR B 316 -9.32 11.23 -4.90
CA TYR B 316 -8.92 10.50 -6.13
C TYR B 316 -8.73 8.98 -5.90
N LEU B 317 -8.38 8.55 -4.70
CA LEU B 317 -8.10 7.11 -4.47
C LEU B 317 -9.39 6.32 -4.63
N PHE B 318 -10.55 6.89 -4.24
CA PHE B 318 -11.79 6.09 -4.08
C PHE B 318 -12.24 5.54 -5.43
N PRO B 319 -12.24 6.31 -6.52
CA PRO B 319 -12.58 5.72 -7.81
C PRO B 319 -11.58 4.63 -8.21
N ALA B 320 -10.28 4.77 -7.91
CA ALA B 320 -9.32 3.69 -8.30
C ALA B 320 -9.62 2.41 -7.51
N LEU B 321 -10.04 2.50 -6.25
CA LEU B 321 -10.39 1.28 -5.48
C LEU B 321 -11.63 0.62 -6.10
N GLU B 322 -12.61 1.39 -6.57
CA GLU B 322 -13.85 0.86 -7.21
C GLU B 322 -13.51 0.26 -8.58
N ASP B 323 -12.50 0.79 -9.27
CA ASP B 323 -12.11 0.31 -10.61
C ASP B 323 -11.55 -1.12 -10.53
N ILE B 324 -11.07 -1.59 -9.38
CA ILE B 324 -10.48 -2.95 -9.31
C ILE B 324 -11.46 -4.00 -9.87
N ALA B 325 -12.73 -3.96 -9.49
CA ALA B 325 -13.70 -5.06 -9.74
C ALA B 325 -14.40 -4.72 -11.05
N LEU B 326 -14.92 -5.66 -11.80
CA LEU B 326 -15.43 -5.22 -13.13
C LEU B 326 -16.05 -6.41 -13.88
N ASP B 331 -12.95 -3.30 -17.41
CA ASP B 331 -13.40 -3.56 -18.81
C ASP B 331 -13.04 -2.30 -19.61
N ILE B 332 -13.85 -1.23 -19.54
CA ILE B 332 -13.34 0.18 -19.54
C ILE B 332 -14.24 1.05 -18.67
N SER B 333 -15.04 0.48 -17.77
CA SER B 333 -16.06 1.31 -17.08
C SER B 333 -15.30 2.35 -16.25
N HIS B 334 -14.00 2.01 -16.00
CA HIS B 334 -12.81 2.82 -15.60
C HIS B 334 -12.21 3.57 -16.80
N SER B 336 -13.54 7.71 -18.74
CA SER B 336 -13.33 8.95 -17.92
C SER B 336 -12.39 8.81 -16.71
N VAL B 337 -12.56 7.82 -15.84
CA VAL B 337 -12.02 7.88 -14.44
C VAL B 337 -10.49 8.05 -14.43
N GLU B 338 -9.76 7.27 -15.22
CA GLU B 338 -8.27 7.19 -15.20
C GLU B 338 -7.64 8.39 -15.94
N ARG B 339 -8.33 8.90 -16.96
CA ARG B 339 -7.95 10.14 -17.67
C ARG B 339 -7.92 11.27 -16.66
N VAL B 340 -8.78 11.26 -15.64
CA VAL B 340 -8.83 12.33 -14.62
C VAL B 340 -7.82 11.98 -13.51
N ILE B 341 -7.94 10.81 -12.87
CA ILE B 341 -7.35 10.61 -11.51
C ILE B 341 -5.84 10.35 -11.59
N LEU B 342 -5.33 9.66 -12.61
CA LEU B 342 -3.88 9.28 -12.63
C LEU B 342 -3.05 10.52 -12.92
N PRO B 343 -3.39 11.29 -13.96
CA PRO B 343 -2.69 12.53 -14.23
C PRO B 343 -2.89 13.48 -13.04
N ASP B 344 -4.11 13.71 -12.58
CA ASP B 344 -4.32 14.66 -11.47
C ASP B 344 -3.57 14.22 -10.20
N ALA B 345 -3.56 12.94 -9.81
CA ALA B 345 -2.94 12.61 -8.50
C ALA B 345 -1.42 12.70 -8.66
N THR B 346 -0.87 12.18 -9.75
CA THR B 346 0.61 12.26 -9.92
C THR B 346 1.01 13.75 -10.00
N THR B 347 0.24 14.60 -10.66
CA THR B 347 0.69 16.00 -10.75
C THR B 347 0.51 16.72 -9.43
N LEU B 348 -0.55 16.46 -8.66
CA LEU B 348 -0.68 17.13 -7.33
C LEU B 348 0.43 16.64 -6.41
N ALA B 349 0.83 15.36 -6.47
CA ALA B 349 1.89 14.82 -5.62
C ALA B 349 3.20 15.57 -5.93
N HIS B 350 3.49 15.78 -7.21
CA HIS B 350 4.75 16.38 -7.67
C HIS B 350 4.79 17.84 -7.23
N TYR B 351 3.71 18.56 -7.50
CA TYR B 351 3.51 19.97 -7.08
C TYR B 351 3.72 20.13 -5.59
N ALA B 352 3.10 19.27 -4.79
CA ALA B 352 3.08 19.41 -3.33
C ALA B 352 4.47 19.13 -2.78
N LEU B 353 5.17 18.13 -3.29
CA LEU B 353 6.51 17.84 -2.73
C LEU B 353 7.43 19.02 -3.09
N ARG B 354 7.29 19.59 -4.29
CA ARG B 354 8.14 20.72 -4.73
C ARG B 354 7.84 21.93 -3.83
N ARG B 355 6.58 22.22 -3.60
CA ARG B 355 6.18 23.30 -2.69
C ARG B 355 6.73 22.99 -1.30
N LEU B 356 6.65 21.74 -0.82
CA LEU B 356 7.09 21.41 0.55
C LEU B 356 8.62 21.54 0.65
N LYS B 357 9.36 21.14 -0.38
CA LYS B 357 10.84 21.30 -0.41
C LYS B 357 11.18 22.79 -0.25
N GLY B 358 10.52 23.68 -1.00
CA GLY B 358 10.80 25.13 -0.93
C GLY B 358 10.59 25.66 0.48
N ILE B 359 9.50 25.25 1.13
CA ILE B 359 9.13 25.72 2.49
C ILE B 359 10.21 25.26 3.47
N LEU B 360 10.66 24.02 3.36
CA LEU B 360 11.66 23.43 4.28
C LEU B 360 13.02 24.10 4.06
N GLU B 361 13.33 24.48 2.82
CA GLU B 361 14.62 25.12 2.47
C GLU B 361 14.67 26.54 3.04
N GLY B 362 13.54 27.22 3.20
CA GLY B 362 13.50 28.60 3.75
C GLY B 362 12.98 28.67 5.18
N LEU B 363 13.02 27.60 5.96
CA LEU B 363 12.44 27.60 7.32
C LEU B 363 13.15 28.67 8.18
N VAL B 365 13.34 29.71 11.26
CA VAL B 365 13.42 29.33 12.70
C VAL B 365 13.67 30.60 13.54
N PHE B 444 18.75 14.08 29.33
CA PHE B 444 17.52 14.21 28.51
C PHE B 444 17.85 13.97 27.02
N LEU B 445 18.99 14.47 26.54
CA LEU B 445 19.48 14.33 25.14
C LEU B 445 20.39 13.10 24.99
N ARG B 446 20.59 12.25 26.01
CA ARG B 446 21.80 11.35 26.02
C ARG B 446 21.64 10.13 25.09
N HIS B 447 20.46 9.90 24.48
CA HIS B 447 20.23 8.80 23.49
C HIS B 447 20.03 9.35 22.07
N VAL B 448 20.10 10.68 21.89
CA VAL B 448 19.92 11.36 20.58
C VAL B 448 20.90 10.79 19.54
N ASP B 449 22.16 10.56 19.88
CA ASP B 449 23.19 10.02 18.94
C ASP B 449 22.79 8.61 18.52
N ALA B 450 22.27 7.78 19.42
CA ALA B 450 21.90 6.38 19.08
C ALA B 450 20.72 6.40 18.08
N ILE B 451 19.77 7.32 18.27
CA ILE B 451 18.55 7.48 17.43
C ILE B 451 18.99 7.96 16.04
N TYR B 452 19.74 9.05 15.96
CA TYR B 452 20.34 9.54 14.68
C TYR B 452 21.09 8.41 13.97
N ALA B 453 21.84 7.57 14.70
CA ALA B 453 22.66 6.49 14.11
C ALA B 453 21.77 5.50 13.34
N ARG B 454 20.51 5.32 13.75
CA ARG B 454 19.58 4.38 13.08
C ARG B 454 19.34 4.83 11.63
N PHE B 455 19.49 6.12 11.33
CA PHE B 455 19.32 6.76 10.00
C PHE B 455 20.68 7.09 9.38
N GLY B 456 21.78 6.56 9.94
CA GLY B 456 23.17 6.86 9.54
C GLY B 456 23.53 8.32 9.71
N LEU B 457 23.01 9.02 10.74
CA LEU B 457 23.27 10.46 11.03
C LEU B 457 23.88 10.62 12.43
#